data_6DRX
#
_entry.id   6DRX
#
_cell.length_a   59.380
_cell.length_b   118.550
_cell.length_c   168.203
_cell.angle_alpha   90.00
_cell.angle_beta   90.00
_cell.angle_gamma   90.00
#
_symmetry.space_group_name_H-M   'C 2 2 21'
#
loop_
_entity.id
_entity.type
_entity.pdbx_description
1 polymer '5HT2B receptor, BRIL chimera'
2 non-polymer "N,N-diethyl-N'-[(8alpha)-6-methyl-9,10-didehydroergolin-8-yl]urea"
3 non-polymer CHOLESTEROL
4 non-polymer '(2R)-2,3-dihydroxypropyl (9Z)-octadec-9-enoate'
5 water water
#
_entity_poly.entity_id   1
_entity_poly.type   'polypeptide(L)'
_entity_poly.pdbx_seq_one_letter_code
;TESIPEEMKQIVEEQGNKLHWAALLILMVIIPTIGGNTLVILAVSLEKKLQYATNYFLMSLAVADLLVGLFVMPIALLTI
MFEAMWPLPLVLCPAWLFLDVLFSTASIWHLCAISVDRYIAIKKPIQANQYNSRATAFIKITVVWLISIGIAIPVPIKGI
ETDVDNPNNITCVLTKERFGDFMLFGSLAAFFTPLAIMIVTYFLTIHALQKKAADLEDNWETLNDNLKVIEKADNAAQVK
DALTKMRAAALDAQKATPPKLEDKSPDSPEMKDFRHGFDILVGQIDDALKLANEGKVKEAQAAAEQLKTTRNAYIQKYLQ
TISNEQRASKVLGIVFFLFLLMWCPFFITNITLVLCDSCNQTTLQMLLEIFVWIGYVSSGVNPLVYTLFNKTFRDAFGRY
ITCNYRATKS
;
_entity_poly.pdbx_strand_id   A
#
# COMPACT_ATOMS: atom_id res chain seq x y z
N VAL A 12 21.77 -37.86 28.89
CA VAL A 12 21.01 -36.64 28.64
C VAL A 12 21.39 -36.03 27.29
N GLU A 13 20.37 -35.76 26.47
CA GLU A 13 20.59 -35.17 25.15
C GLU A 13 20.30 -33.68 25.15
N GLU A 14 21.35 -32.88 25.09
CA GLU A 14 21.21 -31.42 25.07
C GLU A 14 21.18 -30.91 23.64
N GLN A 15 20.65 -29.70 23.46
CA GLN A 15 20.54 -29.09 22.13
C GLN A 15 21.93 -28.75 21.58
N GLY A 16 22.04 -28.74 20.26
CA GLY A 16 23.30 -28.47 19.59
C GLY A 16 23.42 -27.05 19.10
N ASN A 17 24.35 -26.82 18.18
CA ASN A 17 24.60 -25.49 17.63
C ASN A 17 23.57 -25.11 16.57
N LYS A 18 23.33 -23.81 16.41
CA LYS A 18 22.40 -23.32 15.43
C LYS A 18 22.96 -22.09 14.70
N LEU A 19 24.27 -22.07 14.54
CA LEU A 19 24.96 -20.96 13.88
C LEU A 19 24.61 -20.89 12.40
N HIS A 20 24.42 -22.06 11.79
CA HIS A 20 24.13 -22.14 10.37
C HIS A 20 22.80 -21.46 10.02
N TRP A 21 21.86 -21.49 10.95
CA TRP A 21 20.58 -20.84 10.75
C TRP A 21 20.74 -19.32 10.76
N ALA A 22 21.52 -18.82 11.71
CA ALA A 22 21.78 -17.39 11.81
C ALA A 22 22.52 -16.88 10.57
N ALA A 23 23.42 -17.71 10.04
CA ALA A 23 24.14 -17.37 8.83
C ALA A 23 23.21 -17.31 7.64
N LEU A 24 22.28 -18.27 7.58
CA LEU A 24 21.29 -18.32 6.51
C LEU A 24 20.34 -17.14 6.58
N LEU A 25 20.11 -16.64 7.79
CA LEU A 25 19.25 -15.49 8.01
C LEU A 25 19.92 -14.21 7.50
N ILE A 26 21.21 -14.07 7.77
CA ILE A 26 21.96 -12.91 7.31
C ILE A 26 21.91 -12.80 5.79
N LEU A 27 22.17 -13.92 5.12
CA LEU A 27 22.21 -13.95 3.65
C LEU A 27 20.86 -13.66 3.02
N MET A 28 19.79 -14.20 3.59
CA MET A 28 18.49 -14.19 2.93
C MET A 28 17.42 -13.35 3.63
N VAL A 29 17.74 -12.77 4.78
CA VAL A 29 16.79 -11.90 5.46
C VAL A 29 17.37 -10.53 5.73
N ILE A 30 18.43 -10.47 6.53
CA ILE A 30 19.03 -9.21 6.94
C ILE A 30 19.57 -8.41 5.77
N ILE A 31 20.48 -9.02 5.01
CA ILE A 31 21.09 -8.37 3.85
C ILE A 31 20.04 -7.95 2.78
N PRO A 32 19.07 -8.83 2.45
CA PRO A 32 18.06 -8.33 1.51
C PRO A 32 17.18 -7.23 2.08
N THR A 33 17.01 -7.20 3.41
CA THR A 33 16.19 -6.19 4.06
C THR A 33 16.85 -4.82 4.02
N ILE A 34 18.08 -4.74 4.52
CA ILE A 34 18.81 -3.47 4.57
C ILE A 34 19.07 -2.94 3.17
N GLY A 35 19.54 -3.80 2.28
CA GLY A 35 19.85 -3.41 0.91
C GLY A 35 18.61 -3.09 0.10
N GLY A 36 17.57 -3.90 0.26
CA GLY A 36 16.33 -3.71 -0.48
C GLY A 36 15.63 -2.41 -0.15
N ASN A 37 15.65 -2.03 1.12
CA ASN A 37 15.03 -0.79 1.56
C ASN A 37 15.89 0.43 1.26
N THR A 38 17.21 0.23 1.24
CA THR A 38 18.14 1.31 0.93
C THR A 38 17.94 1.78 -0.51
N LEU A 39 17.69 0.85 -1.41
CA LEU A 39 17.45 1.17 -2.81
C LEU A 39 16.19 2.01 -2.99
N VAL A 40 15.14 1.65 -2.25
CA VAL A 40 13.87 2.36 -2.33
C VAL A 40 14.01 3.80 -1.83
N ILE A 41 14.71 3.97 -0.72
CA ILE A 41 14.95 5.29 -0.16
C ILE A 41 15.79 6.15 -1.11
N LEU A 42 16.84 5.55 -1.66
CA LEU A 42 17.70 6.25 -2.62
C LEU A 42 16.93 6.69 -3.86
N ALA A 43 16.04 5.84 -4.34
CA ALA A 43 15.26 6.14 -5.53
C ALA A 43 14.36 7.34 -5.31
N VAL A 44 13.73 7.41 -4.14
CA VAL A 44 12.87 8.53 -3.79
C VAL A 44 13.69 9.78 -3.51
N SER A 45 14.84 9.60 -2.86
CA SER A 45 15.69 10.73 -2.47
C SER A 45 16.39 11.36 -3.66
N LEU A 46 17.01 10.52 -4.51
CA LEU A 46 17.82 11.02 -5.61
C LEU A 46 16.98 11.41 -6.83
N GLU A 47 16.23 10.45 -7.36
CA GLU A 47 15.43 10.69 -8.55
C GLU A 47 14.28 11.65 -8.26
N LYS A 48 14.32 12.83 -8.87
CA LYS A 48 13.30 13.84 -8.67
C LYS A 48 12.01 13.50 -9.41
N LYS A 49 12.08 12.51 -10.29
CA LYS A 49 10.91 12.06 -11.04
C LYS A 49 10.00 11.23 -10.14
N LEU A 50 10.52 10.83 -8.99
CA LEU A 50 9.76 10.02 -8.05
C LEU A 50 9.42 10.80 -6.78
N GLN A 51 9.78 12.08 -6.74
CA GLN A 51 9.56 12.90 -5.56
C GLN A 51 8.16 13.52 -5.54
N TYR A 52 7.14 12.68 -5.47
CA TYR A 52 5.77 13.15 -5.32
C TYR A 52 5.14 12.58 -4.05
N ALA A 53 3.95 13.09 -3.71
CA ALA A 53 3.32 12.82 -2.42
C ALA A 53 3.11 11.33 -2.12
N THR A 54 2.70 10.57 -3.13
CA THR A 54 2.35 9.17 -2.94
C THR A 54 3.57 8.33 -2.51
N ASN A 55 4.75 8.70 -3.01
CA ASN A 55 5.96 7.94 -2.73
C ASN A 55 6.58 8.24 -1.37
N TYR A 56 5.96 9.13 -0.60
CA TYR A 56 6.42 9.42 0.75
C TYR A 56 5.89 8.38 1.72
N PHE A 57 4.88 7.64 1.28
CA PHE A 57 4.40 6.48 2.03
C PHE A 57 5.42 5.35 1.89
N LEU A 58 5.94 5.19 0.68
CA LEU A 58 6.91 4.14 0.39
C LEU A 58 8.26 4.42 1.06
N MET A 59 8.67 5.68 1.08
CA MET A 59 9.93 6.06 1.71
C MET A 59 9.85 5.89 3.22
N SER A 60 8.74 6.31 3.81
CA SER A 60 8.52 6.14 5.24
C SER A 60 8.47 4.66 5.59
N LEU A 61 7.81 3.88 4.76
CA LEU A 61 7.73 2.44 4.93
C LEU A 61 9.10 1.78 4.80
N ALA A 62 9.87 2.24 3.82
CA ALA A 62 11.21 1.71 3.59
C ALA A 62 12.12 2.00 4.78
N VAL A 63 11.96 3.18 5.36
CA VAL A 63 12.74 3.57 6.54
C VAL A 63 12.42 2.66 7.72
N ALA A 64 11.14 2.40 7.93
CA ALA A 64 10.70 1.54 9.03
C ALA A 64 11.29 0.14 8.92
N ASP A 65 11.22 -0.44 7.73
CA ASP A 65 11.73 -1.77 7.50
C ASP A 65 13.26 -1.79 7.50
N LEU A 66 13.87 -0.67 7.13
CA LEU A 66 15.32 -0.54 7.17
C LEU A 66 15.84 -0.63 8.60
N LEU A 67 15.10 0.00 9.52
CA LEU A 67 15.48 0.02 10.92
C LEU A 67 15.31 -1.34 11.57
N VAL A 68 14.48 -2.19 10.96
CA VAL A 68 14.32 -3.57 11.45
C VAL A 68 15.59 -4.37 11.17
N GLY A 69 16.09 -4.27 9.95
CA GLY A 69 17.28 -4.99 9.55
C GLY A 69 18.56 -4.44 10.16
N LEU A 70 18.47 -3.24 10.72
CA LEU A 70 19.64 -2.58 11.29
C LEU A 70 19.71 -2.71 12.81
N PHE A 71 18.56 -2.56 13.47
CA PHE A 71 18.55 -2.50 14.93
C PHE A 71 17.72 -3.60 15.58
N VAL A 72 16.87 -4.26 14.80
CA VAL A 72 16.03 -5.32 15.33
C VAL A 72 16.54 -6.71 14.95
N MET A 73 16.77 -6.91 13.66
CA MET A 73 17.23 -8.21 13.15
C MET A 73 18.64 -8.63 13.64
N PRO A 74 19.62 -7.71 13.64
CA PRO A 74 20.95 -8.15 14.10
C PRO A 74 20.95 -8.61 15.55
N ILE A 75 20.26 -7.87 16.42
CA ILE A 75 20.18 -8.24 17.84
C ILE A 75 19.37 -9.52 18.02
N ALA A 76 18.42 -9.74 17.11
CA ALA A 76 17.58 -10.93 17.15
C ALA A 76 18.40 -12.20 16.92
N LEU A 77 19.54 -12.05 16.25
CA LEU A 77 20.44 -13.17 16.02
C LEU A 77 21.07 -13.65 17.32
N LEU A 78 21.34 -12.70 18.22
CA LEU A 78 21.97 -13.01 19.51
C LEU A 78 21.09 -13.95 20.33
N THR A 79 19.78 -13.82 20.18
CA THR A 79 18.84 -14.71 20.84
C THR A 79 18.97 -16.11 20.27
N ILE A 80 19.24 -16.18 18.96
CA ILE A 80 19.42 -17.45 18.28
C ILE A 80 20.83 -17.99 18.47
N MET A 81 21.81 -17.11 18.30
CA MET A 81 23.22 -17.50 18.30
C MET A 81 23.74 -17.78 19.72
N PHE A 82 23.41 -16.89 20.65
CA PHE A 82 23.88 -17.03 22.03
C PHE A 82 22.83 -17.70 22.90
N GLU A 83 23.03 -17.64 24.22
CA GLU A 83 22.11 -18.25 25.17
C GLU A 83 20.86 -17.40 25.35
N ALA A 84 19.94 -17.89 26.19
CA ALA A 84 18.69 -17.19 26.45
C ALA A 84 18.92 -15.91 27.26
N MET A 85 20.04 -15.87 27.98
CA MET A 85 20.39 -14.70 28.78
C MET A 85 20.69 -13.50 27.90
N TRP A 86 20.25 -12.32 28.32
CA TRP A 86 20.45 -11.09 27.57
C TRP A 86 21.87 -10.57 27.74
N PRO A 87 22.66 -10.60 26.65
CA PRO A 87 24.09 -10.25 26.68
C PRO A 87 24.32 -8.74 26.81
N LEU A 88 23.52 -7.94 26.12
CA LEU A 88 23.63 -6.49 26.17
C LEU A 88 23.25 -5.96 27.56
N PRO A 89 23.50 -4.67 27.82
CA PRO A 89 22.99 -4.07 29.06
C PRO A 89 21.48 -4.24 29.21
N LEU A 90 21.01 -4.31 30.45
CA LEU A 90 19.60 -4.57 30.74
C LEU A 90 18.68 -3.47 30.20
N VAL A 91 19.22 -2.26 30.08
CA VAL A 91 18.44 -1.12 29.62
C VAL A 91 18.07 -1.23 28.14
N LEU A 92 18.88 -1.97 27.39
CA LEU A 92 18.66 -2.11 25.96
C LEU A 92 17.67 -3.22 25.62
N CYS A 93 17.29 -3.99 26.64
CA CYS A 93 16.34 -5.08 26.46
C CYS A 93 14.91 -4.59 26.16
N PRO A 94 14.37 -3.66 26.97
CA PRO A 94 13.02 -3.22 26.60
C PRO A 94 13.01 -2.31 25.37
N ALA A 95 14.15 -1.66 25.10
CA ALA A 95 14.27 -0.80 23.93
C ALA A 95 14.23 -1.62 22.64
N TRP A 96 14.99 -2.70 22.60
CA TRP A 96 15.02 -3.61 21.46
C TRP A 96 13.65 -4.27 21.25
N LEU A 97 12.99 -4.61 22.35
CA LEU A 97 11.64 -5.15 22.29
C LEU A 97 10.67 -4.12 21.74
N PHE A 98 10.85 -2.88 22.18
CA PHE A 98 9.99 -1.78 21.75
C PHE A 98 10.16 -1.48 20.27
N LEU A 99 11.41 -1.40 19.83
CA LEU A 99 11.71 -1.11 18.43
C LEU A 99 11.19 -2.20 17.51
N ASP A 100 11.24 -3.45 17.97
CA ASP A 100 10.72 -4.56 17.20
C ASP A 100 9.23 -4.40 16.93
N VAL A 101 8.46 -4.16 17.99
CA VAL A 101 7.02 -3.99 17.87
C VAL A 101 6.66 -2.72 17.11
N LEU A 102 7.42 -1.65 17.36
CA LEU A 102 7.18 -0.37 16.72
C LEU A 102 7.31 -0.44 15.20
N PHE A 103 8.46 -0.91 14.73
CA PHE A 103 8.75 -0.92 13.30
C PHE A 103 7.95 -1.98 12.55
N SER A 104 7.72 -3.12 13.20
CA SER A 104 6.94 -4.20 12.57
C SER A 104 5.48 -3.79 12.41
N THR A 105 4.97 -3.02 13.37
CA THR A 105 3.61 -2.52 13.29
C THR A 105 3.50 -1.41 12.26
N ALA A 106 4.57 -0.60 12.17
CA ALA A 106 4.62 0.51 11.22
C ALA A 106 4.56 0.02 9.79
N SER A 107 5.14 -1.17 9.55
CA SER A 107 5.15 -1.75 8.21
C SER A 107 3.75 -2.16 7.76
N ILE A 108 3.01 -2.77 8.68
CA ILE A 108 1.67 -3.27 8.36
C ILE A 108 0.68 -2.12 8.21
N TRP A 109 0.80 -1.11 9.06
CA TRP A 109 -0.12 0.01 9.05
C TRP A 109 0.19 0.99 7.92
N HIS A 110 1.41 0.96 7.41
CA HIS A 110 1.77 1.75 6.24
C HIS A 110 1.03 1.21 5.02
N LEU A 111 1.01 -0.11 4.87
CA LEU A 111 0.32 -0.76 3.77
C LEU A 111 -1.18 -0.53 3.88
N CYS A 112 -1.70 -0.50 5.10
CA CYS A 112 -3.09 -0.20 5.35
C CYS A 112 -3.40 1.23 4.91
N ALA A 113 -2.47 2.14 5.20
CA ALA A 113 -2.61 3.53 4.79
C ALA A 113 -2.55 3.64 3.26
N ILE A 114 -1.60 2.93 2.67
CA ILE A 114 -1.47 2.90 1.22
C ILE A 114 -2.69 2.28 0.56
N SER A 115 -3.19 1.20 1.16
CA SER A 115 -4.37 0.51 0.66
C SER A 115 -5.60 1.43 0.66
N VAL A 116 -5.71 2.25 1.70
CA VAL A 116 -6.81 3.20 1.81
C VAL A 116 -6.58 4.40 0.89
N ASP A 117 -5.37 4.92 0.89
CA ASP A 117 -5.02 6.09 0.09
C ASP A 117 -5.17 5.81 -1.41
N ARG A 118 -4.86 4.58 -1.81
CA ARG A 118 -5.00 4.19 -3.21
C ARG A 118 -6.47 4.05 -3.60
N TYR A 119 -7.30 3.73 -2.61
CA TYR A 119 -8.73 3.58 -2.85
C TYR A 119 -9.41 4.93 -3.06
N ILE A 120 -9.09 5.89 -2.21
CA ILE A 120 -9.71 7.22 -2.29
C ILE A 120 -9.24 7.98 -3.52
N ALA A 121 -8.13 7.52 -4.11
CA ALA A 121 -7.62 8.11 -5.33
C ALA A 121 -8.46 7.68 -6.53
N ILE A 122 -9.15 6.55 -6.37
CA ILE A 122 -10.01 6.03 -7.43
C ILE A 122 -11.41 6.63 -7.34
N LYS A 123 -11.98 6.62 -6.13
CA LYS A 123 -13.29 7.22 -5.89
C LYS A 123 -13.28 8.71 -6.20
N LYS A 124 -12.26 9.39 -5.71
CA LYS A 124 -12.09 10.82 -5.97
C LYS A 124 -10.80 11.07 -6.74
N PRO A 125 -10.88 11.05 -8.08
CA PRO A 125 -9.72 11.24 -8.97
C PRO A 125 -8.98 12.54 -8.69
N ILE A 126 -9.70 13.66 -8.71
CA ILE A 126 -9.12 14.95 -8.39
C ILE A 126 -9.21 15.22 -6.89
N GLN A 127 -8.41 14.49 -6.12
CA GLN A 127 -8.41 14.61 -4.66
C GLN A 127 -7.96 16.00 -4.23
N ALA A 128 -6.74 16.36 -4.60
CA ALA A 128 -6.18 17.67 -4.26
C ALA A 128 -5.04 18.04 -5.21
N ASN A 129 -4.51 19.25 -5.05
CA ASN A 129 -3.40 19.71 -5.85
C ASN A 129 -2.09 19.04 -5.43
N GLN A 130 -1.01 19.42 -6.09
CA GLN A 130 0.31 18.85 -5.79
C GLN A 130 0.79 19.30 -4.41
N TYR A 131 0.49 20.54 -4.05
CA TYR A 131 0.89 21.11 -2.78
C TYR A 131 0.02 20.61 -1.63
N ASN A 132 -1.28 20.61 -1.85
CA ASN A 132 -2.25 20.22 -0.82
C ASN A 132 -2.18 18.74 -0.49
N SER A 133 -1.66 17.94 -1.41
CA SER A 133 -1.54 16.49 -1.19
C SER A 133 -0.19 16.15 -0.57
N ARG A 134 0.75 17.09 -0.66
CA ARG A 134 2.08 16.89 -0.11
C ARG A 134 2.04 16.90 1.42
N ALA A 135 1.21 17.79 1.97
CA ALA A 135 1.05 17.90 3.41
C ALA A 135 0.19 16.75 3.95
N THR A 136 -0.73 16.27 3.12
CA THR A 136 -1.60 15.17 3.49
C THR A 136 -0.79 13.90 3.75
N ALA A 137 0.30 13.77 3.00
CA ALA A 137 1.21 12.64 3.17
C ALA A 137 1.85 12.64 4.56
N PHE A 138 2.44 13.78 4.92
CA PHE A 138 3.10 13.94 6.22
C PHE A 138 2.15 13.65 7.38
N ILE A 139 0.91 14.13 7.26
CA ILE A 139 -0.10 13.90 8.28
C ILE A 139 -0.43 12.41 8.39
N LYS A 140 -0.70 11.78 7.26
CA LYS A 140 -1.04 10.37 7.21
C LYS A 140 0.12 9.49 7.70
N ILE A 141 1.33 9.86 7.31
CA ILE A 141 2.53 9.15 7.77
C ILE A 141 2.70 9.28 9.28
N THR A 142 2.51 10.49 9.78
CA THR A 142 2.62 10.76 11.21
C THR A 142 1.64 9.94 12.03
N VAL A 143 0.38 9.92 11.59
CA VAL A 143 -0.67 9.17 12.27
C VAL A 143 -0.31 7.69 12.37
N VAL A 144 0.14 7.11 11.25
CA VAL A 144 0.55 5.72 11.21
C VAL A 144 1.66 5.43 12.22
N TRP A 145 2.65 6.33 12.28
CA TRP A 145 3.74 6.18 13.25
C TRP A 145 3.25 6.33 14.68
N LEU A 146 2.31 7.26 14.91
CA LEU A 146 1.75 7.47 16.24
C LEU A 146 0.93 6.27 16.68
N ILE A 147 0.24 5.64 15.74
CA ILE A 147 -0.49 4.42 16.00
C ILE A 147 0.48 3.32 16.43
N SER A 148 1.59 3.23 15.72
CA SER A 148 2.60 2.20 15.96
C SER A 148 3.26 2.36 17.33
N ILE A 149 3.45 3.59 17.77
CA ILE A 149 4.05 3.86 19.07
C ILE A 149 3.12 3.39 20.20
N GLY A 150 1.86 3.76 20.11
CA GLY A 150 0.87 3.40 21.11
C GLY A 150 0.68 1.91 21.28
N ILE A 151 0.91 1.16 20.20
CA ILE A 151 0.79 -0.29 20.25
C ILE A 151 2.06 -0.92 20.80
N ALA A 152 3.19 -0.26 20.55
CA ALA A 152 4.49 -0.81 20.95
C ALA A 152 4.89 -0.38 22.36
N ILE A 153 4.31 0.72 22.84
CA ILE A 153 4.70 1.27 24.14
C ILE A 153 4.20 0.52 25.40
N PRO A 154 3.23 -0.42 25.26
CA PRO A 154 3.01 -1.21 26.48
C PRO A 154 4.22 -2.05 26.91
N VAL A 155 5.13 -2.33 26.00
CA VAL A 155 6.30 -3.16 26.31
C VAL A 155 7.33 -2.47 27.21
N PRO A 156 7.80 -1.26 26.84
CA PRO A 156 8.81 -0.68 27.73
C PRO A 156 8.25 -0.20 29.06
N ILE A 157 6.96 0.12 29.09
CA ILE A 157 6.31 0.56 30.33
C ILE A 157 6.21 -0.58 31.33
N LYS A 158 5.76 -1.74 30.86
CA LYS A 158 5.67 -2.92 31.71
C LYS A 158 7.06 -3.42 32.08
N GLY A 159 7.90 -3.63 31.07
CA GLY A 159 9.27 -4.05 31.29
C GLY A 159 9.42 -5.55 31.45
N ILE A 160 10.66 -6.02 31.47
CA ILE A 160 10.94 -7.44 31.65
C ILE A 160 11.17 -7.77 33.12
N GLU A 161 11.03 -9.05 33.47
CA GLU A 161 11.17 -9.50 34.84
C GLU A 161 12.61 -9.32 35.34
N THR A 162 12.77 -8.47 36.36
CA THR A 162 14.08 -8.21 36.93
C THR A 162 14.38 -9.15 38.09
N ASN A 166 17.86 -14.03 43.97
CA ASN A 166 18.39 -12.74 43.53
C ASN A 166 18.75 -12.76 42.05
N PRO A 167 17.77 -12.46 41.18
CA PRO A 167 17.97 -12.44 39.74
C PRO A 167 18.89 -11.30 39.29
N ASN A 168 20.11 -11.65 38.87
CA ASN A 168 21.07 -10.66 38.39
C ASN A 168 20.90 -10.41 36.88
N ASN A 169 20.90 -11.49 36.12
CA ASN A 169 20.69 -11.41 34.67
C ASN A 169 19.21 -11.32 34.32
N ILE A 170 18.91 -11.35 33.03
CA ILE A 170 17.53 -11.28 32.56
C ILE A 170 17.37 -11.97 31.21
N THR A 171 16.19 -12.55 30.99
CA THR A 171 15.87 -13.17 29.72
C THR A 171 14.94 -12.26 28.92
N CYS A 172 15.52 -11.52 27.98
CA CYS A 172 14.76 -10.55 27.20
C CYS A 172 13.76 -11.23 26.27
N VAL A 173 12.56 -11.48 26.78
CA VAL A 173 11.52 -12.13 26.01
C VAL A 173 10.14 -11.82 26.55
N LEU A 174 9.17 -11.62 25.67
CA LEU A 174 7.79 -11.39 26.07
C LEU A 174 7.21 -12.67 26.67
N THR A 175 6.78 -12.59 27.92
CA THR A 175 6.25 -13.75 28.63
C THR A 175 4.73 -13.79 28.57
N LYS A 176 4.17 -14.98 28.43
CA LYS A 176 2.72 -15.16 28.40
C LYS A 176 2.10 -14.80 29.75
N GLU A 177 2.81 -15.11 30.83
CA GLU A 177 2.33 -14.85 32.17
C GLU A 177 2.32 -13.36 32.52
N ARG A 178 2.88 -12.55 31.63
CA ARG A 178 2.93 -11.11 31.86
C ARG A 178 2.27 -10.34 30.73
N PHE A 179 2.74 -10.56 29.50
CA PHE A 179 2.22 -9.84 28.34
C PHE A 179 1.10 -10.60 27.65
N GLY A 180 0.27 -11.28 28.43
CA GLY A 180 -0.85 -12.03 27.89
C GLY A 180 -1.84 -11.15 27.14
N ASP A 181 -2.25 -10.06 27.79
CA ASP A 181 -3.18 -9.11 27.20
C ASP A 181 -2.56 -8.44 25.97
N PHE A 182 -1.27 -8.13 26.06
CA PHE A 182 -0.57 -7.46 24.96
C PHE A 182 -0.37 -8.40 23.78
N MET A 183 -0.09 -9.65 24.04
CA MET A 183 0.11 -10.54 22.95
C MET A 183 -1.18 -10.68 22.20
N LEU A 184 -2.28 -10.82 22.92
CA LEU A 184 -3.57 -10.95 22.25
C LEU A 184 -4.09 -9.68 21.63
N PHE A 185 -4.12 -8.61 22.40
CA PHE A 185 -4.59 -7.35 21.89
C PHE A 185 -3.67 -6.62 20.94
N GLY A 186 -2.39 -6.64 21.24
CA GLY A 186 -1.44 -5.99 20.41
C GLY A 186 -1.51 -6.64 19.05
N SER A 187 -1.65 -7.94 19.03
CA SER A 187 -1.71 -8.65 17.79
C SER A 187 -2.92 -8.22 17.02
N LEU A 188 -4.02 -8.03 17.69
CA LEU A 188 -5.22 -7.62 16.98
C LEU A 188 -5.07 -6.21 16.44
N ALA A 189 -4.44 -5.34 17.22
CA ALA A 189 -4.31 -3.93 16.86
C ALA A 189 -3.22 -3.68 15.82
N ALA A 190 -2.27 -4.62 15.72
CA ALA A 190 -1.12 -4.43 14.84
C ALA A 190 -1.27 -5.15 13.50
N PHE A 191 -2.00 -6.26 13.49
CA PHE A 191 -2.14 -7.06 12.28
C PHE A 191 -3.58 -7.24 11.85
N PHE A 192 -4.42 -7.78 12.74
CA PHE A 192 -5.79 -8.13 12.38
C PHE A 192 -6.67 -6.91 12.15
N THR A 193 -6.34 -5.79 12.77
CA THR A 193 -7.10 -4.56 12.58
C THR A 193 -6.81 -3.91 11.21
N PRO A 194 -5.53 -3.74 10.84
CA PRO A 194 -5.32 -3.20 9.49
C PRO A 194 -5.72 -4.20 8.40
N LEU A 195 -5.55 -5.48 8.67
CA LEU A 195 -5.99 -6.52 7.75
C LEU A 195 -7.49 -6.41 7.50
N ALA A 196 -8.24 -6.17 8.57
CA ALA A 196 -9.68 -5.99 8.47
C ALA A 196 -10.03 -4.79 7.58
N ILE A 197 -9.23 -3.75 7.69
CA ILE A 197 -9.44 -2.54 6.90
C ILE A 197 -9.05 -2.78 5.43
N MET A 198 -7.91 -3.43 5.23
CA MET A 198 -7.42 -3.71 3.88
C MET A 198 -8.34 -4.67 3.14
N ILE A 199 -9.07 -5.49 3.89
CA ILE A 199 -10.07 -6.38 3.31
C ILE A 199 -11.30 -5.60 2.89
N VAL A 200 -11.76 -4.71 3.76
CA VAL A 200 -12.92 -3.87 3.47
C VAL A 200 -12.65 -2.94 2.29
N THR A 201 -11.52 -2.24 2.35
CA THR A 201 -11.13 -1.32 1.29
C THR A 201 -10.89 -2.06 -0.03
N TYR A 202 -10.57 -3.34 0.07
CA TYR A 202 -10.39 -4.17 -1.12
C TYR A 202 -11.70 -4.28 -1.90
N PHE A 203 -12.75 -4.74 -1.24
CA PHE A 203 -14.06 -4.86 -1.87
C PHE A 203 -14.62 -3.50 -2.24
N LEU A 204 -14.24 -2.48 -1.48
CA LEU A 204 -14.61 -1.11 -1.81
C LEU A 204 -13.93 -0.67 -3.10
N THR A 205 -12.70 -1.13 -3.29
CA THR A 205 -11.92 -0.81 -4.49
C THR A 205 -12.45 -1.56 -5.71
N ILE A 206 -12.77 -2.84 -5.52
CA ILE A 206 -13.31 -3.66 -6.60
C ILE A 206 -14.64 -3.09 -7.07
N HIS A 207 -15.47 -2.65 -6.13
CA HIS A 207 -16.75 -2.04 -6.45
C HIS A 207 -16.56 -0.68 -7.11
N ALA A 208 -15.52 0.03 -6.69
CA ALA A 208 -15.24 1.37 -7.23
C ALA A 208 -14.82 1.30 -8.69
N LEU A 209 -13.99 0.32 -9.03
CA LEU A 209 -13.47 0.17 -10.38
C LEU A 209 -14.56 -0.28 -11.36
N GLN A 210 -15.38 -1.25 -10.93
CA GLN A 210 -16.42 -1.80 -11.80
C GLN A 210 -17.55 -0.80 -11.99
N LYS A 211 -17.65 0.18 -11.08
CA LYS A 211 -18.65 1.22 -11.18
C LYS A 211 -18.13 2.39 -12.01
N LYS A 212 -16.83 2.64 -11.88
CA LYS A 212 -16.17 3.72 -12.61
C LYS A 212 -16.17 3.44 -14.11
N ALA A 213 -16.12 2.15 -14.46
CA ALA A 213 -16.12 1.73 -15.86
C ALA A 213 -17.55 1.54 -16.36
N ALA A 214 -18.48 1.36 -15.43
CA ALA A 214 -19.89 1.18 -15.78
C ALA A 214 -20.49 2.50 -16.25
N ASP A 215 -20.07 3.58 -15.62
CA ASP A 215 -20.56 4.91 -15.98
C ASP A 215 -19.91 5.40 -17.27
N LEU A 216 -18.70 4.92 -17.54
CA LEU A 216 -17.99 5.26 -18.77
C LEU A 216 -18.64 4.59 -19.97
N GLU A 217 -18.99 3.32 -19.81
CA GLU A 217 -19.68 2.57 -20.86
C GLU A 217 -21.08 3.15 -21.08
N ASP A 218 -21.64 3.75 -20.04
CA ASP A 218 -22.94 4.37 -20.11
C ASP A 218 -22.88 5.63 -20.98
N ASN A 219 -21.87 6.45 -20.73
CA ASN A 219 -21.67 7.67 -21.52
C ASN A 219 -21.30 7.36 -22.96
N TRP A 220 -20.44 6.37 -23.15
CA TRP A 220 -19.99 5.97 -24.47
C TRP A 220 -21.13 5.41 -25.32
N GLU A 221 -22.20 4.99 -24.66
CA GLU A 221 -23.34 4.41 -25.34
C GLU A 221 -24.50 5.40 -25.47
N THR A 222 -24.50 6.44 -24.64
CA THR A 222 -25.59 7.40 -24.65
C THR A 222 -25.31 8.60 -25.55
N LEU A 223 -24.03 8.82 -25.87
CA LEU A 223 -23.69 9.91 -26.78
C LEU A 223 -23.59 9.37 -28.20
N ASN A 224 -23.34 8.06 -28.32
CA ASN A 224 -23.35 7.40 -29.61
C ASN A 224 -24.78 7.22 -30.11
N ASP A 225 -25.72 7.08 -29.18
CA ASP A 225 -27.12 6.92 -29.51
C ASP A 225 -27.76 8.27 -29.84
N ASN A 226 -27.10 9.35 -29.43
CA ASN A 226 -27.61 10.69 -29.68
C ASN A 226 -26.97 11.35 -30.90
N LEU A 227 -25.97 10.69 -31.47
CA LEU A 227 -25.37 11.16 -32.72
C LEU A 227 -25.93 10.35 -33.89
N LYS A 228 -26.42 9.15 -33.58
CA LYS A 228 -27.09 8.32 -34.58
C LYS A 228 -28.41 8.95 -34.98
N VAL A 229 -29.06 9.58 -34.00
CA VAL A 229 -30.29 10.32 -34.26
C VAL A 229 -29.94 11.67 -34.88
N ILE A 230 -28.71 12.11 -34.66
CA ILE A 230 -28.22 13.35 -35.25
C ILE A 230 -27.76 13.09 -36.68
N GLU A 231 -27.25 11.88 -36.92
CA GLU A 231 -26.86 11.48 -38.26
C GLU A 231 -28.09 11.34 -39.14
N LYS A 232 -29.03 10.49 -38.72
CA LYS A 232 -30.29 10.33 -39.41
C LYS A 232 -31.31 11.35 -38.91
N ALA A 233 -31.12 12.61 -39.30
N ALA A 233 -31.12 12.61 -39.30
CA ALA A 233 -32.01 13.69 -38.88
C ALA A 233 -32.79 14.26 -40.06
N ASP A 234 -34.11 14.29 -39.93
CA ASP A 234 -34.97 14.82 -40.98
C ASP A 234 -35.09 16.33 -40.90
N ASN A 235 -35.19 16.86 -39.68
CA ASN A 235 -35.32 18.29 -39.48
C ASN A 235 -34.50 18.78 -38.28
N ALA A 236 -34.39 20.10 -38.15
CA ALA A 236 -33.68 20.69 -37.03
C ALA A 236 -34.48 20.52 -35.74
N ALA A 237 -35.79 20.33 -35.89
CA ALA A 237 -36.67 20.08 -34.74
C ALA A 237 -36.36 18.72 -34.14
N GLN A 238 -35.93 17.79 -34.98
CA GLN A 238 -35.50 16.47 -34.52
C GLN A 238 -34.20 16.58 -33.76
N VAL A 239 -33.44 17.63 -34.05
CA VAL A 239 -32.19 17.91 -33.38
C VAL A 239 -32.41 18.88 -32.22
N LYS A 240 -33.54 19.57 -32.25
CA LYS A 240 -33.86 20.57 -31.23
C LYS A 240 -34.13 19.95 -29.87
N ASP A 241 -34.35 18.64 -29.84
CA ASP A 241 -34.61 17.94 -28.59
C ASP A 241 -33.57 16.86 -28.33
N ALA A 242 -33.00 16.32 -29.40
CA ALA A 242 -32.03 15.23 -29.29
C ALA A 242 -30.64 15.74 -28.92
N LEU A 243 -30.24 16.85 -29.51
CA LEU A 243 -28.92 17.43 -29.26
C LEU A 243 -28.84 18.06 -27.87
N THR A 244 -29.99 18.47 -27.35
CA THR A 244 -30.06 19.09 -26.03
C THR A 244 -29.80 18.06 -24.94
N LYS A 245 -29.97 16.79 -25.27
CA LYS A 245 -29.72 15.70 -24.33
C LYS A 245 -28.23 15.50 -24.10
N MET A 246 -27.42 16.06 -24.98
CA MET A 246 -25.97 15.95 -24.89
C MET A 246 -25.35 17.15 -24.21
N ARG A 247 -26.20 18.05 -23.71
CA ARG A 247 -25.74 19.27 -23.06
C ARG A 247 -24.93 18.97 -21.80
N ALA A 248 -25.35 17.94 -21.07
CA ALA A 248 -24.65 17.53 -19.86
C ALA A 248 -24.16 16.09 -19.97
N ALA A 249 -22.94 15.92 -20.46
CA ALA A 249 -22.35 14.59 -20.63
C ALA A 249 -20.83 14.65 -20.57
N PHE A 274 -7.20 17.48 -16.58
CA PHE A 274 -7.64 18.51 -17.49
C PHE A 274 -9.12 18.86 -17.29
N ARG A 275 -9.37 19.95 -16.57
CA ARG A 275 -10.73 20.42 -16.34
C ARG A 275 -11.33 20.96 -17.63
N HIS A 276 -10.45 21.27 -18.59
CA HIS A 276 -10.86 21.71 -19.91
C HIS A 276 -11.54 20.57 -20.68
N GLY A 277 -11.34 19.35 -20.20
CA GLY A 277 -11.85 18.16 -20.84
C GLY A 277 -13.34 18.15 -21.13
N PHE A 278 -14.14 18.43 -20.10
CA PHE A 278 -15.60 18.40 -20.24
C PHE A 278 -16.11 19.61 -21.02
N ASP A 279 -15.32 20.67 -21.07
CA ASP A 279 -15.75 21.92 -21.68
C ASP A 279 -15.51 21.94 -23.20
N ILE A 280 -14.45 21.25 -23.63
CA ILE A 280 -14.08 21.26 -25.05
C ILE A 280 -15.13 20.56 -25.91
N LEU A 281 -15.98 19.75 -25.28
CA LEU A 281 -17.03 19.03 -25.99
C LEU A 281 -18.40 19.60 -25.64
N VAL A 282 -18.49 20.25 -24.49
CA VAL A 282 -19.75 20.87 -24.06
C VAL A 282 -20.11 22.04 -24.96
N GLY A 283 -19.18 22.97 -25.12
CA GLY A 283 -19.37 24.11 -25.99
C GLY A 283 -19.42 23.68 -27.45
N GLN A 284 -18.71 22.59 -27.75
CA GLN A 284 -18.70 22.04 -29.10
C GLN A 284 -20.07 21.47 -29.45
N ILE A 285 -20.72 20.87 -28.47
CA ILE A 285 -22.08 20.36 -28.65
C ILE A 285 -23.09 21.51 -28.66
N ASP A 286 -22.75 22.57 -27.95
CA ASP A 286 -23.58 23.77 -27.90
C ASP A 286 -23.42 24.58 -29.18
N ASP A 287 -22.25 24.47 -29.81
CA ASP A 287 -21.98 25.15 -31.07
C ASP A 287 -22.81 24.55 -32.20
N ALA A 288 -23.03 23.25 -32.12
CA ALA A 288 -23.83 22.56 -33.13
C ALA A 288 -25.31 22.92 -33.00
N LEU A 289 -25.72 23.22 -31.78
CA LEU A 289 -27.10 23.63 -31.51
C LEU A 289 -27.37 25.02 -32.08
N LYS A 290 -26.31 25.82 -32.20
CA LYS A 290 -26.42 27.15 -32.77
C LYS A 290 -26.76 27.07 -34.26
N LEU A 291 -26.27 26.02 -34.91
CA LEU A 291 -26.58 25.79 -36.31
C LEU A 291 -27.97 25.19 -36.48
N ALA A 292 -28.43 24.51 -35.43
CA ALA A 292 -29.77 23.91 -35.43
C ALA A 292 -30.83 25.00 -35.34
N ASN A 293 -30.61 25.96 -34.45
CA ASN A 293 -31.54 27.07 -34.28
C ASN A 293 -31.52 28.00 -35.48
N GLU A 294 -30.36 28.09 -36.14
CA GLU A 294 -30.21 28.92 -37.32
C GLU A 294 -30.91 28.29 -38.52
N GLY A 295 -31.05 26.97 -38.48
CA GLY A 295 -31.73 26.24 -39.55
C GLY A 295 -30.80 25.32 -40.32
N LYS A 296 -29.50 25.42 -40.05
CA LYS A 296 -28.51 24.61 -40.74
C LYS A 296 -28.49 23.18 -40.19
N VAL A 297 -29.23 22.29 -40.82
CA VAL A 297 -29.30 20.90 -40.39
C VAL A 297 -28.14 20.09 -40.95
N LYS A 298 -27.96 20.15 -42.28
CA LYS A 298 -26.90 19.40 -42.94
C LYS A 298 -25.51 19.86 -42.48
N GLU A 299 -25.40 21.15 -42.16
CA GLU A 299 -24.15 21.70 -41.67
C GLU A 299 -23.87 21.25 -40.24
N ALA A 300 -24.94 20.93 -39.51
CA ALA A 300 -24.82 20.48 -38.14
C ALA A 300 -24.46 19.00 -38.07
N GLN A 301 -24.99 18.22 -39.01
CA GLN A 301 -24.71 16.80 -39.08
C GLN A 301 -23.23 16.54 -39.37
N ALA A 302 -22.66 17.35 -40.27
CA ALA A 302 -21.26 17.25 -40.60
C ALA A 302 -20.41 17.77 -39.45
N ALA A 303 -20.98 18.68 -38.67
CA ALA A 303 -20.29 19.22 -37.50
C ALA A 303 -20.30 18.20 -36.36
N ALA A 304 -21.30 17.34 -36.35
CA ALA A 304 -21.41 16.29 -35.35
C ALA A 304 -20.36 15.21 -35.59
N GLU A 305 -19.93 15.08 -36.84
CA GLU A 305 -18.91 14.11 -37.20
C GLU A 305 -17.52 14.60 -36.81
N GLN A 306 -17.43 15.87 -36.43
CA GLN A 306 -16.17 16.44 -35.98
C GLN A 306 -15.88 16.05 -34.54
N LEU A 307 -16.92 15.57 -33.85
CA LEU A 307 -16.77 15.11 -32.48
C LEU A 307 -16.29 13.66 -32.45
N LYS A 308 -16.23 13.04 -33.62
CA LYS A 308 -15.77 11.66 -33.74
C LYS A 308 -14.29 11.55 -33.35
N THR A 309 -13.50 12.53 -33.77
CA THR A 309 -12.08 12.55 -33.41
C THR A 309 -11.89 13.25 -32.07
N THR A 310 -12.97 13.81 -31.53
CA THR A 310 -12.93 14.47 -30.24
C THR A 310 -13.29 13.52 -29.11
N ARG A 311 -14.37 12.78 -29.30
CA ARG A 311 -14.84 11.83 -28.29
C ARG A 311 -13.89 10.64 -28.15
N ASN A 312 -13.53 10.05 -29.28
CA ASN A 312 -12.64 8.87 -29.29
C ASN A 312 -11.29 9.14 -28.65
N ALA A 313 -10.73 10.31 -28.92
CA ALA A 313 -9.41 10.67 -28.39
C ALA A 313 -9.49 11.06 -26.92
N TYR A 314 -10.71 11.15 -26.39
CA TYR A 314 -10.91 11.59 -25.02
C TYR A 314 -11.25 10.45 -24.06
N ILE A 315 -12.22 9.62 -24.45
CA ILE A 315 -12.64 8.51 -23.61
C ILE A 315 -11.62 7.37 -23.63
N GLN A 316 -10.94 7.20 -24.76
CA GLN A 316 -9.90 6.18 -24.85
C GLN A 316 -8.70 6.58 -23.99
N LYS A 317 -8.50 7.88 -23.85
CA LYS A 317 -7.47 8.41 -22.96
C LYS A 317 -7.90 8.19 -21.51
N TYR A 318 -9.21 8.15 -21.31
CA TYR A 318 -9.77 7.90 -19.98
C TYR A 318 -10.06 6.42 -19.80
N LEU A 319 -9.94 5.66 -20.88
CA LEU A 319 -10.14 4.21 -20.84
C LEU A 319 -8.87 3.55 -20.30
N GLN A 320 -7.72 4.01 -20.79
CA GLN A 320 -6.44 3.51 -20.31
C GLN A 320 -6.19 4.02 -18.90
N THR A 321 -6.85 5.12 -18.54
CA THR A 321 -6.77 5.66 -17.19
C THR A 321 -7.33 4.65 -16.20
N ILE A 322 -8.46 4.06 -16.54
CA ILE A 322 -9.07 3.01 -15.72
C ILE A 322 -8.28 1.71 -15.83
N SER A 323 -7.81 1.43 -17.05
CA SER A 323 -7.02 0.22 -17.31
C SER A 323 -5.75 0.20 -16.46
N ASN A 324 -5.05 1.33 -16.40
CA ASN A 324 -3.87 1.46 -15.58
C ASN A 324 -4.23 1.49 -14.10
N GLU A 325 -5.38 2.07 -13.79
CA GLU A 325 -5.87 2.14 -12.42
C GLU A 325 -6.26 0.76 -11.91
N GLN A 326 -6.77 -0.06 -12.82
CA GLN A 326 -7.17 -1.42 -12.49
C GLN A 326 -5.94 -2.34 -12.44
N ARG A 327 -4.96 -2.06 -13.29
CA ARG A 327 -3.74 -2.85 -13.35
C ARG A 327 -2.86 -2.59 -12.13
N ALA A 328 -2.84 -1.34 -11.68
CA ALA A 328 -2.02 -0.96 -10.53
C ALA A 328 -2.63 -1.47 -9.23
N SER A 329 -3.95 -1.53 -9.17
CA SER A 329 -4.64 -1.99 -7.97
C SER A 329 -4.50 -3.51 -7.82
N LYS A 330 -4.45 -4.22 -8.95
CA LYS A 330 -4.28 -5.67 -8.93
C LYS A 330 -2.89 -6.06 -8.44
N VAL A 331 -1.89 -5.28 -8.84
CA VAL A 331 -0.52 -5.50 -8.38
C VAL A 331 -0.43 -5.21 -6.88
N LEU A 332 -1.01 -4.09 -6.46
CA LEU A 332 -1.02 -3.70 -5.06
C LEU A 332 -1.75 -4.74 -4.20
N GLY A 333 -2.79 -5.34 -4.77
CA GLY A 333 -3.57 -6.33 -4.06
C GLY A 333 -2.81 -7.61 -3.77
N ILE A 334 -2.18 -8.16 -4.79
CA ILE A 334 -1.44 -9.42 -4.66
C ILE A 334 -0.21 -9.26 -3.77
N VAL A 335 0.54 -8.19 -3.99
CA VAL A 335 1.76 -7.93 -3.22
C VAL A 335 1.45 -7.73 -1.73
N PHE A 336 0.44 -6.91 -1.44
CA PHE A 336 0.05 -6.66 -0.06
C PHE A 336 -0.52 -7.91 0.60
N PHE A 337 -1.12 -8.78 -0.22
CA PHE A 337 -1.68 -10.03 0.29
C PHE A 337 -0.57 -10.96 0.74
N LEU A 338 0.48 -11.05 -0.04
CA LEU A 338 1.63 -11.91 0.28
C LEU A 338 2.34 -11.40 1.54
N PHE A 339 2.34 -10.08 1.73
CA PHE A 339 2.90 -9.49 2.94
C PHE A 339 2.15 -9.98 4.17
N LEU A 340 0.84 -9.79 4.15
CA LEU A 340 -0.02 -10.16 5.27
C LEU A 340 -0.02 -11.67 5.48
N LEU A 341 0.03 -12.42 4.38
CA LEU A 341 0.00 -13.88 4.44
C LEU A 341 1.24 -14.45 5.13
N MET A 342 2.37 -13.77 4.96
CA MET A 342 3.62 -14.23 5.57
C MET A 342 3.70 -13.80 7.04
N TRP A 343 2.90 -12.82 7.43
CA TRP A 343 2.82 -12.41 8.83
C TRP A 343 1.74 -13.21 9.56
N CYS A 344 0.89 -13.89 8.79
CA CYS A 344 -0.17 -14.71 9.37
C CYS A 344 0.30 -15.84 10.29
N PRO A 345 1.33 -16.62 9.89
CA PRO A 345 1.72 -17.74 10.77
C PRO A 345 2.14 -17.30 12.16
N PHE A 346 2.66 -16.08 12.29
CA PHE A 346 3.09 -15.57 13.60
C PHE A 346 1.91 -15.13 14.46
N PHE A 347 1.16 -14.16 13.96
CA PHE A 347 0.08 -13.54 14.73
C PHE A 347 -1.05 -14.53 15.06
N ILE A 348 -1.26 -15.51 14.19
CA ILE A 348 -2.26 -16.54 14.46
C ILE A 348 -1.75 -17.46 15.57
N THR A 349 -0.44 -17.72 15.56
CA THR A 349 0.18 -18.55 16.57
C THR A 349 0.35 -17.79 17.89
N ASN A 350 0.59 -16.49 17.78
CA ASN A 350 0.81 -15.65 18.95
C ASN A 350 -0.43 -15.54 19.83
N ILE A 351 -1.60 -15.42 19.20
CA ILE A 351 -2.86 -15.35 19.93
C ILE A 351 -3.28 -16.74 20.39
N THR A 352 -2.77 -17.76 19.71
CA THR A 352 -3.04 -19.15 20.08
C THR A 352 -2.27 -19.48 21.36
N LEU A 353 -1.09 -18.87 21.49
CA LEU A 353 -0.25 -19.06 22.68
C LEU A 353 -0.95 -18.54 23.93
N VAL A 354 -1.86 -17.61 23.75
CA VAL A 354 -2.60 -17.00 24.86
C VAL A 354 -3.92 -17.71 25.12
N LEU A 355 -4.73 -17.86 24.08
CA LEU A 355 -6.06 -18.46 24.20
C LEU A 355 -5.97 -19.95 24.52
N CYS A 356 -5.33 -20.70 23.64
CA CYS A 356 -5.20 -22.15 23.82
C CYS A 356 -4.27 -22.49 24.98
N ASP A 357 -4.86 -22.80 26.13
CA ASP A 357 -4.10 -23.15 27.32
C ASP A 357 -3.80 -24.65 27.36
N SER A 358 -4.28 -25.37 26.35
CA SER A 358 -4.07 -26.80 26.27
C SER A 358 -2.90 -27.15 25.36
N CYS A 359 -2.44 -26.17 24.58
CA CYS A 359 -1.35 -26.37 23.65
C CYS A 359 -0.01 -26.49 24.36
N ASN A 360 0.93 -27.21 23.75
CA ASN A 360 2.26 -27.37 24.30
C ASN A 360 3.07 -26.09 24.18
N GLN A 361 3.29 -25.43 25.31
CA GLN A 361 3.98 -24.14 25.36
C GLN A 361 5.38 -24.21 24.74
N THR A 362 6.09 -25.30 24.99
CA THR A 362 7.45 -25.46 24.49
C THR A 362 7.50 -25.60 22.98
N THR A 363 6.59 -26.41 22.44
CA THR A 363 6.58 -26.69 21.01
C THR A 363 5.72 -25.68 20.24
N LEU A 364 5.33 -24.59 20.92
CA LEU A 364 4.52 -23.57 20.28
C LEU A 364 5.27 -22.25 20.17
N GLN A 365 6.09 -21.95 21.17
CA GLN A 365 6.91 -20.74 21.15
C GLN A 365 8.17 -20.97 20.33
N MET A 366 8.49 -22.23 20.09
CA MET A 366 9.61 -22.60 19.23
C MET A 366 9.24 -22.33 17.78
N LEU A 367 7.96 -22.40 17.48
CA LEU A 367 7.45 -22.07 16.15
C LEU A 367 7.45 -20.56 15.96
N LEU A 368 7.17 -19.83 17.03
CA LEU A 368 7.20 -18.38 17.00
C LEU A 368 8.60 -17.86 16.69
N GLU A 369 9.61 -18.57 17.17
CA GLU A 369 11.00 -18.19 16.95
C GLU A 369 11.36 -18.31 15.48
N ILE A 370 10.56 -19.07 14.72
CA ILE A 370 10.77 -19.23 13.29
C ILE A 370 9.81 -18.34 12.50
N PHE A 371 8.57 -18.26 12.96
CA PHE A 371 7.52 -17.51 12.26
C PHE A 371 7.80 -16.00 12.23
N VAL A 372 8.55 -15.50 13.20
CA VAL A 372 8.92 -14.10 13.24
C VAL A 372 9.80 -13.74 12.05
N TRP A 373 10.74 -14.62 11.72
CA TRP A 373 11.67 -14.38 10.62
C TRP A 373 10.96 -14.44 9.27
N ILE A 374 9.90 -15.23 9.19
CA ILE A 374 9.08 -15.27 7.99
C ILE A 374 8.44 -13.90 7.76
N GLY A 375 7.99 -13.28 8.85
CA GLY A 375 7.46 -11.93 8.80
C GLY A 375 8.57 -10.93 8.53
N TYR A 376 9.77 -11.24 9.03
CA TYR A 376 10.93 -10.38 8.80
C TYR A 376 11.33 -10.38 7.33
N VAL A 377 11.23 -11.54 6.69
CA VAL A 377 11.44 -11.64 5.25
C VAL A 377 10.39 -10.82 4.54
N SER A 378 9.15 -10.93 5.00
CA SER A 378 8.02 -10.23 4.42
C SER A 378 8.18 -8.71 4.51
N SER A 379 8.49 -8.21 5.71
CA SER A 379 8.64 -6.79 5.92
C SER A 379 9.87 -6.24 5.20
N GLY A 380 10.90 -7.06 5.10
CA GLY A 380 12.16 -6.65 4.49
C GLY A 380 12.06 -6.39 3.00
N VAL A 381 11.39 -7.29 2.28
CA VAL A 381 11.31 -7.20 0.83
C VAL A 381 10.00 -6.56 0.37
N ASN A 382 9.19 -6.10 1.31
CA ASN A 382 7.89 -5.53 0.99
C ASN A 382 7.95 -4.26 0.14
N PRO A 383 8.77 -3.26 0.53
CA PRO A 383 8.80 -2.07 -0.34
C PRO A 383 9.49 -2.34 -1.67
N LEU A 384 10.51 -3.19 -1.66
CA LEU A 384 11.27 -3.50 -2.86
C LEU A 384 10.40 -4.13 -3.94
N VAL A 385 9.76 -5.25 -3.60
CA VAL A 385 8.91 -5.98 -4.54
C VAL A 385 7.81 -5.10 -5.12
N TYR A 386 7.18 -4.31 -4.25
CA TYR A 386 6.10 -3.41 -4.66
C TYR A 386 6.59 -2.37 -5.66
N THR A 387 7.84 -1.95 -5.52
CA THR A 387 8.42 -0.93 -6.38
C THR A 387 9.09 -1.52 -7.62
N LEU A 388 9.13 -2.85 -7.71
CA LEU A 388 9.72 -3.52 -8.86
C LEU A 388 8.78 -3.48 -10.06
N PHE A 389 7.52 -3.14 -9.82
CA PHE A 389 6.52 -3.08 -10.88
C PHE A 389 6.40 -1.67 -11.45
N ASN A 390 7.06 -0.72 -10.80
CA ASN A 390 7.12 0.65 -11.32
C ASN A 390 8.38 0.83 -12.17
N LYS A 391 8.20 1.34 -13.38
CA LYS A 391 9.30 1.46 -14.33
C LYS A 391 10.39 2.40 -13.84
N THR A 392 10.00 3.56 -13.32
CA THR A 392 10.95 4.55 -12.85
C THR A 392 11.73 4.06 -11.64
N PHE A 393 11.03 3.40 -10.72
CA PHE A 393 11.66 2.78 -9.56
C PHE A 393 12.63 1.69 -9.98
N ARG A 394 12.19 0.86 -10.92
CA ARG A 394 12.98 -0.29 -11.38
C ARG A 394 14.22 0.15 -12.16
N ASP A 395 14.05 1.19 -12.99
CA ASP A 395 15.18 1.73 -13.74
C ASP A 395 16.18 2.40 -12.81
N ALA A 396 15.68 2.97 -11.72
CA ALA A 396 16.53 3.62 -10.73
C ALA A 396 17.36 2.58 -9.99
N PHE A 397 16.74 1.47 -9.63
CA PHE A 397 17.42 0.40 -8.91
C PHE A 397 18.54 -0.20 -9.75
N GLY A 398 18.32 -0.26 -11.06
CA GLY A 398 19.28 -0.86 -11.98
C GLY A 398 20.60 -0.13 -12.05
N ARG A 399 20.57 1.18 -11.83
CA ARG A 399 21.78 1.99 -11.91
C ARG A 399 22.38 2.27 -10.54
N TYR A 400 21.61 1.97 -9.49
CA TYR A 400 22.11 2.15 -8.13
C TYR A 400 22.94 0.95 -7.69
N ILE A 401 22.65 -0.21 -8.29
CA ILE A 401 23.44 -1.42 -8.05
C ILE A 401 24.80 -1.28 -8.72
N THR A 402 24.80 -0.65 -9.89
CA THR A 402 26.03 -0.43 -10.65
C THR A 402 26.81 0.77 -10.14
N CYS A 403 26.35 1.34 -9.03
CA CYS A 403 27.00 2.47 -8.37
C CYS A 403 27.15 3.69 -9.28
N ASN A 404 26.11 3.96 -10.07
CA ASN A 404 26.13 5.10 -10.98
C ASN A 404 25.71 6.39 -10.29
N TYR A 405 24.51 6.40 -9.72
CA TYR A 405 23.97 7.56 -9.01
C TYR A 405 23.90 8.81 -9.88
N ARG A 406 23.81 8.60 -11.20
CA ARG A 406 23.74 9.70 -12.16
C ARG A 406 24.88 10.69 -12.01
#